data_1L7P
#
_entry.id   1L7P
#
_cell.length_a   70.799
_cell.length_b   70.428
_cell.length_c   90.045
_cell.angle_alpha   90.00
_cell.angle_beta   90.00
_cell.angle_gamma   90.00
#
_symmetry.space_group_name_H-M   'P 21 21 2'
#
loop_
_entity.id
_entity.type
_entity.pdbx_description
1 polymer 'PHOSPHOSERINE PHOSPHATASE'
2 non-polymer PHOSPHOSERINE
3 non-polymer 'PHOSPHATE ION'
4 water water
#
_entity_poly.entity_id   1
_entity_poly.type   'polypeptide(L)'
_entity_poly.pdbx_seq_one_letter_code
;(MSE)EKKKKLILFNFDSTLVNNETIDEIAREAGVEEEVKKITKEA(MSE)EGKLNFEQSLRKRVSLLKDLPIEKVEKAI
KRITPTEGAEETIKELKNRGYVVAVVSGGFDIAVNKIKEKLGLDYAFANRLIVKDGKLTGDVEGEVLKENAKGEILEKIA
KIEGINLEDTVAVGDGANDIS(MSE)FKKAGLKIAFCAKPILKEKADICIEKRDLREILKYIK
;
_entity_poly.pdbx_strand_id   A,B
#
# COMPACT_ATOMS: atom_id res chain seq x y z
N LYS A 4 31.17 -25.62 21.99
CA LYS A 4 30.83 -24.20 22.26
C LYS A 4 30.21 -23.51 21.05
N LYS A 5 30.38 -22.19 20.99
CA LYS A 5 29.87 -21.33 19.92
C LYS A 5 28.63 -20.55 20.32
N LYS A 6 28.68 -19.26 20.02
CA LYS A 6 27.60 -18.34 20.33
C LYS A 6 27.28 -17.56 19.06
N LEU A 7 26.11 -16.94 19.01
CA LEU A 7 25.71 -16.18 17.85
C LEU A 7 24.99 -14.89 18.24
N ILE A 8 25.28 -13.80 17.55
CA ILE A 8 24.62 -12.53 17.83
C ILE A 8 24.17 -11.86 16.53
N LEU A 9 22.89 -11.45 16.50
CA LEU A 9 22.33 -10.81 15.33
C LEU A 9 21.89 -9.38 15.62
N PHE A 10 22.11 -8.52 14.64
CA PHE A 10 21.76 -7.10 14.73
C PHE A 10 20.87 -6.73 13.57
N ASN A 11 19.95 -5.79 13.79
CA ASN A 11 19.16 -5.29 12.68
C ASN A 11 20.15 -4.28 12.09
N PHE A 12 19.89 -3.79 10.88
CA PHE A 12 20.81 -2.86 10.24
C PHE A 12 20.51 -1.40 10.52
N ASP A 13 19.42 -0.87 9.96
CA ASP A 13 19.05 0.52 10.15
C ASP A 13 18.84 1.00 11.60
N SER A 14 19.55 2.07 11.96
CA SER A 14 19.50 2.67 13.29
C SER A 14 20.15 1.86 14.41
N THR A 15 20.73 0.73 14.07
CA THR A 15 21.39 -0.10 15.07
C THR A 15 22.86 -0.22 14.69
N LEU A 16 23.17 -0.89 13.60
CA LEU A 16 24.56 -0.99 13.16
C LEU A 16 24.98 0.32 12.51
N VAL A 17 24.05 0.96 11.79
CA VAL A 17 24.32 2.24 11.14
C VAL A 17 23.39 3.28 11.75
N ASN A 18 23.73 4.56 11.61
CA ASN A 18 22.94 5.63 12.19
C ASN A 18 21.68 6.06 11.46
N ASN A 19 21.52 5.62 10.22
CA ASN A 19 20.37 6.07 9.45
C ASN A 19 19.36 4.99 9.06
N GLU A 20 18.28 5.43 8.44
CA GLU A 20 17.25 4.55 7.92
C GLU A 20 17.49 4.58 6.41
N THR A 21 18.08 3.52 5.88
CA THR A 21 18.41 3.44 4.45
C THR A 21 17.28 3.87 3.53
N ILE A 22 16.09 3.34 3.78
CA ILE A 22 14.92 3.64 2.97
C ILE A 22 14.61 5.13 2.99
N ASP A 23 14.86 5.79 4.12
CA ASP A 23 14.57 7.22 4.25
C ASP A 23 15.61 8.04 3.48
N GLU A 24 16.86 7.61 3.54
CA GLU A 24 17.95 8.30 2.84
C GLU A 24 17.71 8.24 1.34
N ILE A 25 17.33 7.06 0.84
CA ILE A 25 17.07 6.91 -0.58
C ILE A 25 15.85 7.72 -1.00
N ALA A 26 14.83 7.76 -0.14
CA ALA A 26 13.61 8.51 -0.44
C ALA A 26 13.92 9.99 -0.58
N ARG A 27 14.87 10.45 0.22
CA ARG A 27 15.31 11.84 0.22
C ARG A 27 15.80 12.19 -1.19
N GLU A 28 16.49 11.25 -1.83
CA GLU A 28 17.00 11.47 -3.19
C GLU A 28 15.86 11.50 -4.21
N ALA A 29 14.74 10.88 -3.87
CA ALA A 29 13.59 10.85 -4.76
C ALA A 29 12.60 11.96 -4.45
N GLY A 30 12.95 12.83 -3.50
CA GLY A 30 12.08 13.93 -3.13
C GLY A 30 10.82 13.51 -2.40
N VAL A 31 10.80 12.29 -1.88
CA VAL A 31 9.63 11.78 -1.18
C VAL A 31 9.93 11.36 0.26
N GLU A 32 10.92 12.00 0.88
CA GLU A 32 11.30 11.67 2.24
C GLU A 32 10.24 11.88 3.32
N GLU A 33 9.37 12.89 3.16
CA GLU A 33 8.37 13.15 4.20
C GLU A 33 7.33 12.04 4.33
N GLU A 34 6.86 11.52 3.20
CA GLU A 34 5.88 10.44 3.23
C GLU A 34 6.55 9.13 3.66
N VAL A 35 7.77 8.88 3.18
CA VAL A 35 8.49 7.66 3.52
C VAL A 35 8.91 7.61 4.99
N LYS A 36 9.45 8.70 5.52
CA LYS A 36 9.88 8.70 6.91
C LYS A 36 8.66 8.49 7.84
N LYS A 37 7.54 9.09 7.47
CA LYS A 37 6.32 8.94 8.25
C LYS A 37 5.90 7.46 8.28
N ILE A 38 6.00 6.80 7.13
CA ILE A 38 5.64 5.38 7.02
C ILE A 38 6.65 4.50 7.74
N THR A 39 7.93 4.85 7.64
CA THR A 39 8.98 4.07 8.30
C THR A 39 8.73 4.09 9.80
N LYS A 40 8.45 5.27 10.33
CA LYS A 40 8.20 5.44 11.76
C LYS A 40 7.04 4.55 12.21
N GLU A 41 5.95 4.56 11.45
CA GLU A 41 4.77 3.77 11.75
C GLU A 41 5.07 2.28 11.68
N ALA A 42 5.86 1.90 10.68
CA ALA A 42 6.22 0.51 10.48
C ALA A 42 7.05 -0.01 11.64
N GLU A 44 7.13 1.20 14.61
CA GLU A 44 6.36 1.28 15.85
C GLU A 44 5.36 0.13 15.90
N GLY A 45 5.29 -0.61 14.81
CA GLY A 45 4.38 -1.75 14.73
C GLY A 45 2.95 -1.37 14.41
N LYS A 46 2.76 -0.19 13.82
CA LYS A 46 1.42 0.26 13.47
C LYS A 46 1.00 -0.13 12.06
N LEU A 47 1.94 -0.70 11.30
CA LEU A 47 1.66 -1.15 9.93
C LEU A 47 2.27 -2.53 9.69
N ASN A 48 1.71 -3.26 8.74
CA ASN A 48 2.24 -4.56 8.38
C ASN A 48 3.58 -4.27 7.70
N PHE A 49 4.65 -4.95 8.10
CA PHE A 49 5.95 -4.63 7.51
C PHE A 49 6.04 -4.74 5.98
N GLU A 50 5.68 -5.89 5.43
CA GLU A 50 5.77 -6.04 3.99
C GLU A 50 5.01 -4.96 3.24
N GLN A 51 3.75 -4.78 3.58
CA GLN A 51 2.94 -3.76 2.91
C GLN A 51 3.63 -2.40 3.00
N SER A 52 4.08 -2.03 4.19
CA SER A 52 4.73 -0.74 4.41
C SER A 52 6.02 -0.59 3.60
N LEU A 53 6.75 -1.68 3.42
CA LEU A 53 7.99 -1.61 2.66
C LEU A 53 7.70 -1.49 1.17
N ARG A 54 6.75 -2.28 0.66
CA ARG A 54 6.41 -2.19 -0.76
C ARG A 54 5.84 -0.81 -1.07
N LYS A 55 5.06 -0.28 -0.14
CA LYS A 55 4.49 1.05 -0.33
C LYS A 55 5.60 2.10 -0.40
N ARG A 56 6.57 2.02 0.51
CA ARG A 56 7.66 2.99 0.51
C ARG A 56 8.57 2.84 -0.72
N VAL A 57 8.82 1.62 -1.15
CA VAL A 57 9.68 1.39 -2.31
C VAL A 57 9.00 1.84 -3.60
N SER A 58 7.68 1.69 -3.66
CA SER A 58 6.94 2.09 -4.85
C SER A 58 7.17 3.58 -5.14
N LEU A 59 7.34 4.36 -4.09
CA LEU A 59 7.58 5.79 -4.24
C LEU A 59 8.96 6.10 -4.81
N LEU A 60 9.81 5.08 -4.92
CA LEU A 60 11.16 5.25 -5.46
C LEU A 60 11.26 4.83 -6.93
N LYS A 61 10.12 4.53 -7.55
CA LYS A 61 10.12 4.12 -8.94
C LYS A 61 10.83 5.12 -9.85
N ASP A 62 11.70 4.62 -10.71
CA ASP A 62 12.47 5.42 -11.66
C ASP A 62 13.72 6.10 -11.12
N LEU A 63 13.98 5.95 -9.83
CA LEU A 63 15.16 6.57 -9.23
C LEU A 63 16.45 6.00 -9.84
N PRO A 64 17.33 6.87 -10.36
CA PRO A 64 18.59 6.40 -10.96
C PRO A 64 19.53 5.80 -9.92
N ILE A 65 20.22 4.74 -10.31
CA ILE A 65 21.15 4.06 -9.41
C ILE A 65 22.21 5.03 -8.88
N GLU A 66 22.52 6.07 -9.65
CA GLU A 66 23.51 7.05 -9.21
C GLU A 66 22.95 7.79 -7.98
N LYS A 67 21.63 8.00 -7.98
CA LYS A 67 20.94 8.67 -6.88
C LYS A 67 20.98 7.76 -5.65
N VAL A 68 20.65 6.49 -5.85
CA VAL A 68 20.65 5.51 -4.78
C VAL A 68 22.02 5.46 -4.11
N GLU A 69 23.08 5.49 -4.92
CA GLU A 69 24.45 5.46 -4.40
C GLU A 69 24.85 6.68 -3.57
N LYS A 70 24.37 7.86 -3.96
CA LYS A 70 24.67 9.06 -3.19
C LYS A 70 24.11 8.91 -1.78
N ALA A 71 22.90 8.35 -1.69
CA ALA A 71 22.25 8.13 -0.40
C ALA A 71 23.03 7.10 0.40
N ILE A 72 23.43 6.03 -0.26
CA ILE A 72 24.18 4.96 0.40
C ILE A 72 25.51 5.49 0.93
N LYS A 73 26.17 6.34 0.16
CA LYS A 73 27.45 6.91 0.59
C LYS A 73 27.30 7.71 1.89
N ARG A 74 26.09 8.20 2.16
CA ARG A 74 25.85 8.98 3.38
C ARG A 74 25.67 8.11 4.62
N ILE A 75 25.49 6.80 4.43
CA ILE A 75 25.31 5.88 5.55
C ILE A 75 26.56 5.78 6.41
N THR A 76 26.42 6.11 7.70
CA THR A 76 27.55 6.04 8.62
C THR A 76 27.32 5.04 9.75
N PRO A 77 28.39 4.37 10.21
CA PRO A 77 28.31 3.38 11.30
C PRO A 77 27.97 3.99 12.66
N THR A 78 27.16 3.29 13.43
CA THR A 78 26.78 3.75 14.75
C THR A 78 28.02 3.74 15.64
N GLU A 79 28.12 4.71 16.54
CA GLU A 79 29.27 4.80 17.44
C GLU A 79 29.50 3.48 18.19
N GLY A 80 30.74 3.02 18.19
CA GLY A 80 31.08 1.79 18.89
C GLY A 80 30.89 0.53 18.08
N ALA A 81 30.40 0.70 16.85
CA ALA A 81 30.14 -0.43 15.96
C ALA A 81 31.34 -1.33 15.74
N GLU A 82 32.43 -0.80 15.21
CA GLU A 82 33.62 -1.59 14.94
C GLU A 82 34.19 -2.27 16.18
N GLU A 83 34.28 -1.52 17.29
CA GLU A 83 34.82 -2.04 18.53
C GLU A 83 33.98 -3.20 19.07
N THR A 84 32.66 -3.03 19.02
CA THR A 84 31.74 -4.05 19.50
C THR A 84 31.87 -5.34 18.70
N ILE A 85 31.92 -5.22 17.38
CA ILE A 85 32.06 -6.39 16.52
C ILE A 85 33.39 -7.11 16.77
N LYS A 86 34.45 -6.33 16.98
CA LYS A 86 35.78 -6.89 17.23
C LYS A 86 35.78 -7.69 18.54
N GLU A 87 35.22 -7.12 19.59
CA GLU A 87 35.18 -7.81 20.88
C GLU A 87 34.28 -9.04 20.85
N LEU A 88 33.20 -8.97 20.08
CA LEU A 88 32.28 -10.10 19.95
C LEU A 88 32.97 -11.30 19.32
N LYS A 89 33.71 -11.06 18.25
CA LYS A 89 34.46 -12.12 17.58
C LYS A 89 35.51 -12.64 18.56
N ASN A 90 36.01 -11.73 19.39
CA ASN A 90 37.01 -12.09 20.38
C ASN A 90 36.43 -13.09 21.38
N ARG A 91 35.18 -12.86 21.77
CA ARG A 91 34.51 -13.73 22.73
C ARG A 91 33.93 -15.02 22.12
N GLY A 92 34.25 -15.26 20.84
CA GLY A 92 33.77 -16.47 20.18
C GLY A 92 32.38 -16.42 19.58
N TYR A 93 31.97 -15.25 19.11
CA TYR A 93 30.64 -15.09 18.53
C TYR A 93 30.64 -15.08 17.01
N VAL A 94 29.59 -15.64 16.43
CA VAL A 94 29.40 -15.59 14.99
C VAL A 94 28.57 -14.31 14.96
N VAL A 95 28.89 -13.38 14.06
CA VAL A 95 28.14 -12.12 14.02
C VAL A 95 27.37 -11.94 12.72
N ALA A 96 26.07 -11.68 12.83
CA ALA A 96 25.24 -11.51 11.65
C ALA A 96 24.37 -10.27 11.68
N VAL A 97 24.01 -9.82 10.49
CA VAL A 97 23.13 -8.67 10.34
C VAL A 97 21.92 -9.16 9.55
N VAL A 98 20.72 -8.93 10.09
CA VAL A 98 19.49 -9.35 9.41
C VAL A 98 18.64 -8.09 9.29
N SER A 99 18.35 -7.68 8.07
CA SER A 99 17.63 -6.44 7.85
C SER A 99 16.48 -6.44 6.87
N GLY A 100 15.46 -5.65 7.20
CA GLY A 100 14.32 -5.52 6.31
C GLY A 100 14.76 -4.54 5.25
N GLY A 101 16.02 -4.11 5.36
CA GLY A 101 16.60 -3.17 4.42
C GLY A 101 17.02 -3.80 3.09
N PHE A 102 17.99 -3.18 2.43
CA PHE A 102 18.42 -3.64 1.10
C PHE A 102 19.86 -4.13 1.00
N ASP A 103 20.06 -5.24 0.31
CA ASP A 103 21.37 -5.85 0.12
C ASP A 103 22.43 -4.85 -0.36
N ILE A 104 22.06 -3.98 -1.30
CA ILE A 104 23.00 -3.02 -1.84
C ILE A 104 23.65 -2.17 -0.74
N ALA A 105 22.91 -1.87 0.32
CA ALA A 105 23.48 -1.07 1.41
C ALA A 105 24.05 -1.96 2.51
N VAL A 106 23.33 -3.02 2.85
CA VAL A 106 23.76 -3.94 3.90
C VAL A 106 25.06 -4.70 3.58
N ASN A 107 25.21 -5.16 2.35
CA ASN A 107 26.42 -5.89 1.99
C ASN A 107 27.67 -5.05 2.23
N LYS A 108 27.57 -3.75 2.03
CA LYS A 108 28.71 -2.86 2.23
C LYS A 108 29.23 -2.92 3.66
N ILE A 109 28.32 -2.85 4.62
CA ILE A 109 28.72 -2.89 6.02
C ILE A 109 29.14 -4.30 6.41
N LYS A 110 28.64 -5.30 5.69
CA LYS A 110 29.03 -6.67 5.96
C LYS A 110 30.51 -6.77 5.57
N GLU A 111 30.82 -6.25 4.38
CA GLU A 111 32.18 -6.25 3.85
C GLU A 111 33.10 -5.50 4.82
N LYS A 112 32.77 -4.24 5.04
CA LYS A 112 33.50 -3.34 5.93
C LYS A 112 33.78 -3.88 7.32
N LEU A 113 32.74 -4.26 8.05
CA LEU A 113 32.89 -4.76 9.41
C LEU A 113 33.27 -6.23 9.53
N GLY A 114 33.32 -6.92 8.39
CA GLY A 114 33.67 -8.33 8.39
C GLY A 114 32.66 -9.26 9.07
N LEU A 115 31.38 -9.02 8.83
CA LEU A 115 30.32 -9.84 9.44
C LEU A 115 30.28 -11.23 8.81
N ASP A 116 29.89 -12.22 9.62
CA ASP A 116 29.81 -13.60 9.15
C ASP A 116 28.59 -13.90 8.27
N TYR A 117 27.50 -13.19 8.53
CA TYR A 117 26.27 -13.40 7.76
C TYR A 117 25.55 -12.08 7.55
N ALA A 118 24.86 -11.97 6.42
CA ALA A 118 24.10 -10.77 6.11
C ALA A 118 22.87 -11.19 5.33
N PHE A 119 21.70 -10.81 5.83
CA PHE A 119 20.44 -11.14 5.17
C PHE A 119 19.66 -9.85 5.04
N ALA A 120 19.09 -9.63 3.86
CA ALA A 120 18.32 -8.42 3.59
C ALA A 120 17.49 -8.61 2.34
N ASN A 121 16.62 -7.64 2.05
CA ASN A 121 15.79 -7.71 0.87
C ASN A 121 16.52 -7.07 -0.31
N ARG A 122 15.89 -7.07 -1.48
CA ARG A 122 16.52 -6.52 -2.68
C ARG A 122 15.70 -5.49 -3.44
N LEU A 123 16.32 -4.38 -3.81
CA LEU A 123 15.62 -3.37 -4.60
C LEU A 123 15.71 -3.86 -6.03
N ILE A 124 14.59 -3.89 -6.74
CA ILE A 124 14.63 -4.35 -8.12
C ILE A 124 15.08 -3.19 -8.99
N VAL A 125 16.05 -3.46 -9.85
CA VAL A 125 16.60 -2.43 -10.73
C VAL A 125 16.62 -2.90 -12.18
N LYS A 126 16.41 -1.96 -13.09
CA LYS A 126 16.41 -2.26 -14.52
C LYS A 126 16.81 -1.00 -15.27
N ASP A 127 17.71 -1.14 -16.24
CA ASP A 127 18.13 0.00 -17.02
C ASP A 127 18.73 1.09 -16.12
N GLY A 128 19.42 0.67 -15.08
CA GLY A 128 20.05 1.62 -14.19
C GLY A 128 19.11 2.45 -13.33
N LYS A 129 17.88 2.00 -13.16
CA LYS A 129 16.91 2.73 -12.36
C LYS A 129 16.06 1.76 -11.54
N LEU A 130 15.62 2.19 -10.37
CA LEU A 130 14.78 1.35 -9.53
C LEU A 130 13.43 1.17 -10.22
N THR A 131 12.88 -0.05 -10.17
CA THR A 131 11.61 -0.31 -10.80
C THR A 131 10.45 0.05 -9.88
N GLY A 132 10.76 0.21 -8.59
CA GLY A 132 9.73 0.56 -7.63
C GLY A 132 9.25 -0.68 -6.91
N ASP A 133 9.93 -1.79 -7.17
CA ASP A 133 9.58 -3.05 -6.53
C ASP A 133 10.69 -3.55 -5.62
N VAL A 134 10.31 -4.42 -4.69
CA VAL A 134 11.25 -5.01 -3.74
C VAL A 134 10.86 -6.45 -3.52
N GLU A 135 11.86 -7.32 -3.38
CA GLU A 135 11.61 -8.74 -3.13
C GLU A 135 12.67 -9.22 -2.13
N GLY A 136 12.41 -10.34 -1.48
CA GLY A 136 13.37 -10.85 -0.52
C GLY A 136 12.73 -11.72 0.54
N GLU A 137 13.57 -12.24 1.44
CA GLU A 137 13.09 -13.10 2.51
C GLU A 137 13.10 -12.45 3.90
N VAL A 138 13.08 -11.12 3.94
CA VAL A 138 13.04 -10.42 5.21
C VAL A 138 11.83 -9.49 5.14
N LEU A 139 10.71 -10.06 4.72
CA LEU A 139 9.47 -9.31 4.56
C LEU A 139 8.35 -9.76 5.49
N LYS A 140 8.16 -11.07 5.61
CA LYS A 140 7.12 -11.62 6.48
C LYS A 140 7.36 -11.30 7.95
N GLU A 141 6.29 -11.27 8.74
CA GLU A 141 6.37 -10.97 10.17
C GLU A 141 7.35 -11.90 10.89
N ASN A 142 7.35 -13.17 10.49
CA ASN A 142 8.20 -14.19 11.10
C ASN A 142 9.60 -14.29 10.49
N ALA A 143 9.85 -13.50 9.45
CA ALA A 143 11.11 -13.53 8.71
C ALA A 143 12.43 -13.59 9.48
N LYS A 144 12.69 -12.61 10.34
CA LYS A 144 13.96 -12.60 11.05
C LYS A 144 14.15 -13.78 12.00
N GLY A 145 13.04 -14.26 12.57
CA GLY A 145 13.12 -15.40 13.47
C GLY A 145 13.52 -16.67 12.75
N GLU A 146 13.00 -16.87 11.55
CA GLU A 146 13.35 -18.06 10.79
C GLU A 146 14.82 -17.96 10.40
N ILE A 147 15.26 -16.75 10.06
CA ILE A 147 16.65 -16.56 9.69
C ILE A 147 17.59 -16.82 10.88
N LEU A 148 17.22 -16.34 12.06
CA LEU A 148 18.07 -16.58 13.24
C LEU A 148 18.22 -18.08 13.42
N GLU A 149 17.11 -18.80 13.41
CA GLU A 149 17.12 -20.25 13.56
C GLU A 149 17.94 -20.95 12.48
N LYS A 150 17.82 -20.45 11.26
CA LYS A 150 18.55 -21.06 10.15
C LYS A 150 20.05 -20.89 10.31
N ILE A 151 20.48 -19.70 10.73
CA ILE A 151 21.90 -19.45 10.95
C ILE A 151 22.40 -20.30 12.10
N ALA A 152 21.62 -20.38 13.17
CA ALA A 152 22.01 -21.18 14.34
C ALA A 152 22.13 -22.66 13.96
N LYS A 153 21.20 -23.16 13.16
CA LYS A 153 21.22 -24.55 12.75
C LYS A 153 22.48 -24.85 11.94
N ILE A 154 22.81 -23.96 11.00
CA ILE A 154 23.99 -24.12 10.17
C ILE A 154 25.25 -24.19 11.05
N GLU A 155 25.32 -23.32 12.04
CA GLU A 155 26.47 -23.24 12.94
C GLU A 155 26.44 -24.27 14.06
N GLY A 156 25.32 -24.95 14.25
CA GLY A 156 25.25 -25.93 15.32
C GLY A 156 25.23 -25.23 16.67
N ILE A 157 24.63 -24.05 16.70
CA ILE A 157 24.56 -23.25 17.90
C ILE A 157 23.18 -23.31 18.56
N ASN A 158 23.18 -23.52 19.88
CA ASN A 158 21.94 -23.60 20.66
C ASN A 158 21.30 -22.22 20.75
N LEU A 159 19.98 -22.14 20.63
CA LEU A 159 19.29 -20.86 20.69
C LEU A 159 19.51 -20.14 22.03
N GLU A 160 19.80 -20.89 23.09
CA GLU A 160 20.03 -20.29 24.39
C GLU A 160 21.32 -19.47 24.32
N ASP A 161 22.18 -19.81 23.36
CA ASP A 161 23.45 -19.11 23.19
C ASP A 161 23.38 -18.05 22.09
N THR A 162 22.17 -17.62 21.73
CA THR A 162 21.98 -16.59 20.71
C THR A 162 21.56 -15.26 21.33
N VAL A 163 22.03 -14.17 20.74
CA VAL A 163 21.70 -12.85 21.24
C VAL A 163 21.12 -12.04 20.08
N ALA A 164 19.99 -11.39 20.31
CA ALA A 164 19.37 -10.58 19.28
C ALA A 164 19.35 -9.12 19.72
N VAL A 165 19.80 -8.24 18.83
CA VAL A 165 19.85 -6.81 19.10
C VAL A 165 19.02 -6.11 18.04
N GLY A 166 17.89 -5.55 18.43
CA GLY A 166 17.02 -4.87 17.48
C GLY A 166 16.51 -3.54 17.95
N ASP A 167 15.68 -2.90 17.12
CA ASP A 167 15.14 -1.60 17.48
C ASP A 167 13.73 -1.32 16.95
N GLY A 168 13.17 -2.26 16.19
CA GLY A 168 11.85 -2.02 15.65
C GLY A 168 10.89 -3.19 15.69
N ALA A 169 9.67 -2.93 15.26
CA ALA A 169 8.63 -3.94 15.26
C ALA A 169 9.00 -5.21 14.48
N ASN A 170 9.74 -5.06 13.39
CA ASN A 170 10.11 -6.24 12.60
C ASN A 170 11.26 -7.05 13.21
N ASP A 171 11.68 -6.67 14.42
CA ASP A 171 12.72 -7.41 15.13
C ASP A 171 12.05 -8.29 16.18
N ILE A 172 10.72 -8.23 16.24
CA ILE A 172 9.96 -9.02 17.19
C ILE A 172 10.16 -10.53 17.03
N SER A 173 10.06 -11.03 15.80
CA SER A 173 10.22 -12.47 15.55
C SER A 173 11.65 -12.92 15.86
N PHE A 175 13.46 -11.61 18.39
CA PHE A 175 13.48 -11.70 19.86
C PHE A 175 12.83 -13.00 20.32
N LYS A 176 11.74 -13.35 19.65
CA LYS A 176 10.99 -14.54 19.98
C LYS A 176 11.83 -15.81 20.08
N LYS A 177 12.87 -15.91 19.25
CA LYS A 177 13.71 -17.11 19.26
C LYS A 177 15.10 -16.90 19.89
N ALA A 178 15.43 -15.65 20.20
CA ALA A 178 16.74 -15.35 20.78
C ALA A 178 16.84 -15.68 22.26
N GLY A 179 18.05 -16.02 22.71
CA GLY A 179 18.28 -16.33 24.10
C GLY A 179 18.23 -15.04 24.91
N LEU A 180 18.96 -14.04 24.45
CA LEU A 180 19.00 -12.74 25.13
C LEU A 180 18.45 -11.71 24.15
N LYS A 181 17.44 -10.97 24.59
CA LYS A 181 16.79 -9.96 23.77
C LYS A 181 17.19 -8.56 24.24
N ILE A 182 17.91 -7.85 23.39
CA ILE A 182 18.38 -6.51 23.71
C ILE A 182 17.77 -5.46 22.78
N ALA A 183 17.01 -4.51 23.32
CA ALA A 183 16.41 -3.45 22.51
C ALA A 183 17.36 -2.27 22.56
N PHE A 184 17.91 -1.91 21.41
CA PHE A 184 18.87 -0.82 21.32
C PHE A 184 18.20 0.45 20.79
N CYS A 185 18.02 1.43 21.68
CA CYS A 185 17.37 2.70 21.32
C CYS A 185 16.19 2.36 20.44
N ALA A 186 15.33 1.50 20.96
CA ALA A 186 14.18 1.00 20.21
C ALA A 186 12.83 1.64 20.48
N LYS A 187 11.86 1.19 19.68
CA LYS A 187 10.47 1.63 19.76
C LYS A 187 9.79 0.89 20.91
N PRO A 188 8.79 1.53 21.53
CA PRO A 188 8.06 0.94 22.66
C PRO A 188 7.62 -0.52 22.44
N ILE A 189 7.11 -0.80 21.25
CA ILE A 189 6.65 -2.14 20.93
C ILE A 189 7.71 -3.23 21.11
N LEU A 190 8.96 -2.90 20.83
CA LEU A 190 10.02 -3.89 20.99
C LEU A 190 10.59 -3.83 22.40
N LYS A 191 10.64 -2.64 22.99
CA LYS A 191 11.17 -2.51 24.33
C LYS A 191 10.33 -3.35 25.29
N GLU A 192 9.03 -3.40 25.04
CA GLU A 192 8.12 -4.18 25.87
C GLU A 192 8.46 -5.68 25.85
N LYS A 193 9.12 -6.12 24.79
CA LYS A 193 9.50 -7.53 24.65
C LYS A 193 10.95 -7.87 25.02
N ALA A 194 11.75 -6.84 25.30
CA ALA A 194 13.16 -7.04 25.60
C ALA A 194 13.54 -7.44 27.02
N ASP A 195 14.64 -8.18 27.12
CA ASP A 195 15.17 -8.59 28.41
C ASP A 195 15.93 -7.38 28.91
N ILE A 196 16.56 -6.67 27.98
CA ILE A 196 17.35 -5.50 28.29
C ILE A 196 17.13 -4.35 27.32
N CYS A 197 16.98 -3.14 27.85
CA CYS A 197 16.76 -1.95 27.04
C CYS A 197 17.91 -0.97 27.19
N ILE A 198 18.57 -0.64 26.07
CA ILE A 198 19.67 0.29 26.06
C ILE A 198 19.18 1.60 25.44
N GLU A 199 19.38 2.71 26.13
CA GLU A 199 18.92 4.00 25.63
C GLU A 199 20.03 4.93 25.16
N LYS A 200 21.28 4.55 25.39
CA LYS A 200 22.41 5.36 24.96
C LYS A 200 22.88 4.83 23.61
N ARG A 201 23.05 5.73 22.64
CA ARG A 201 23.47 5.31 21.30
C ARG A 201 24.95 4.95 21.15
N ASP A 202 25.34 3.83 21.73
CA ASP A 202 26.71 3.35 21.68
C ASP A 202 26.63 1.83 21.76
N LEU A 203 26.88 1.15 20.64
CA LEU A 203 26.80 -0.30 20.62
C LEU A 203 27.64 -1.01 21.69
N ARG A 204 28.72 -0.38 22.14
CA ARG A 204 29.55 -0.99 23.16
C ARG A 204 28.78 -1.18 24.46
N GLU A 205 27.68 -0.44 24.61
CA GLU A 205 26.85 -0.54 25.82
C GLU A 205 26.27 -1.93 25.99
N ILE A 206 26.26 -2.73 24.93
CA ILE A 206 25.71 -4.08 24.99
C ILE A 206 26.69 -5.12 25.52
N LEU A 207 27.98 -4.86 25.33
CA LEU A 207 29.04 -5.77 25.73
C LEU A 207 29.02 -6.24 27.18
N LYS A 208 28.69 -5.35 28.11
CA LYS A 208 28.66 -5.72 29.52
C LYS A 208 27.70 -6.86 29.76
N TYR A 209 26.68 -6.96 28.91
CA TYR A 209 25.67 -8.01 29.04
C TYR A 209 25.98 -9.24 28.19
N ILE A 210 27.00 -9.14 27.35
CA ILE A 210 27.37 -10.22 26.44
C ILE A 210 28.34 -11.28 26.98
N LYS A 211 28.06 -12.52 26.61
CA LYS A 211 28.85 -13.68 27.00
C LYS A 211 28.45 -14.19 28.37
N GLU B 2 -0.65 -3.33 12.70
CA GLU B 2 -0.41 -4.68 13.26
C GLU B 2 -1.30 -5.70 12.55
N LYS B 3 -1.74 -5.33 11.35
CA LYS B 3 -2.60 -6.17 10.54
C LYS B 3 -2.58 -5.69 9.09
N LYS B 4 -2.64 -6.62 8.14
CA LYS B 4 -2.63 -6.27 6.73
C LYS B 4 -3.80 -5.38 6.35
N LYS B 5 -3.53 -4.35 5.57
CA LYS B 5 -4.60 -3.48 5.09
C LYS B 5 -5.19 -4.19 3.90
N LYS B 6 -6.41 -3.83 3.55
CA LYS B 6 -7.05 -4.38 2.38
C LYS B 6 -7.45 -3.16 1.58
N LEU B 7 -7.63 -3.33 0.28
CA LEU B 7 -8.03 -2.25 -0.59
C LEU B 7 -9.45 -2.56 -1.07
N ILE B 8 -10.38 -1.63 -0.85
CA ILE B 8 -11.77 -1.84 -1.25
C ILE B 8 -12.12 -0.82 -2.32
N LEU B 9 -12.57 -1.29 -3.48
CA LEU B 9 -12.94 -0.38 -4.57
C LEU B 9 -14.43 -0.51 -4.86
N PHE B 10 -15.06 0.64 -5.14
CA PHE B 10 -16.49 0.69 -5.45
C PHE B 10 -16.68 1.49 -6.74
N ASN B 11 -17.72 1.16 -7.50
CA ASN B 11 -18.01 1.98 -8.67
C ASN B 11 -18.82 3.09 -8.01
N PHE B 12 -19.11 4.17 -8.73
CA PHE B 12 -19.85 5.28 -8.15
C PHE B 12 -21.35 5.22 -8.39
N ASP B 13 -21.74 5.53 -9.62
CA ASP B 13 -23.13 5.55 -10.02
C ASP B 13 -23.93 4.28 -9.75
N SER B 14 -25.00 4.44 -8.96
CA SER B 14 -25.90 3.37 -8.58
C SER B 14 -25.37 2.41 -7.51
N THR B 15 -24.21 2.73 -6.93
CA THR B 15 -23.64 1.90 -5.87
C THR B 15 -23.36 2.77 -4.65
N LEU B 16 -22.50 3.77 -4.80
CA LEU B 16 -22.22 4.67 -3.69
C LEU B 16 -23.37 5.68 -3.60
N VAL B 17 -23.96 6.00 -4.74
CA VAL B 17 -25.09 6.92 -4.80
C VAL B 17 -26.25 6.17 -5.49
N ASN B 18 -27.47 6.63 -5.27
CA ASN B 18 -28.65 5.98 -5.85
C ASN B 18 -28.86 6.25 -7.33
N ASN B 19 -28.46 7.43 -7.78
CA ASN B 19 -28.67 7.84 -9.15
C ASN B 19 -27.55 7.55 -10.15
N GLU B 20 -27.81 7.95 -11.39
CA GLU B 20 -26.84 7.84 -12.47
C GLU B 20 -26.56 9.29 -12.82
N THR B 21 -25.36 9.75 -12.49
CA THR B 21 -25.00 11.14 -12.75
C THR B 21 -25.38 11.55 -14.16
N ILE B 22 -24.95 10.74 -15.13
CA ILE B 22 -25.21 10.99 -16.53
C ILE B 22 -26.69 11.20 -16.83
N ASP B 23 -27.58 10.56 -16.07
CA ASP B 23 -29.02 10.73 -16.29
C ASP B 23 -29.53 11.99 -15.61
N GLU B 24 -28.95 12.33 -14.46
CA GLU B 24 -29.37 13.53 -13.74
C GLU B 24 -29.04 14.72 -14.63
N ILE B 25 -27.87 14.68 -15.25
CA ILE B 25 -27.42 15.75 -16.12
C ILE B 25 -28.30 15.83 -17.37
N ALA B 26 -28.66 14.68 -17.93
CA ALA B 26 -29.53 14.64 -19.11
C ALA B 26 -30.84 15.35 -18.79
N ARG B 27 -31.39 15.05 -17.61
CA ARG B 27 -32.63 15.66 -17.15
C ARG B 27 -32.55 17.18 -17.26
N GLU B 28 -31.45 17.75 -16.81
CA GLU B 28 -31.24 19.20 -16.89
C GLU B 28 -31.11 19.63 -18.36
N ALA B 29 -30.50 18.77 -19.16
CA ALA B 29 -30.34 19.07 -20.58
C ALA B 29 -31.65 18.91 -21.35
N GLY B 30 -32.65 18.30 -20.72
CA GLY B 30 -33.93 18.08 -21.39
C GLY B 30 -33.85 16.90 -22.34
N VAL B 31 -32.92 15.98 -22.10
CA VAL B 31 -32.74 14.83 -22.97
C VAL B 31 -32.71 13.50 -22.20
N GLU B 32 -33.21 13.51 -20.97
CA GLU B 32 -33.23 12.31 -20.14
C GLU B 32 -33.82 11.10 -20.89
N GLU B 33 -34.90 11.32 -21.62
CA GLU B 33 -35.57 10.25 -22.35
C GLU B 33 -34.60 9.31 -23.09
N GLU B 34 -33.79 9.86 -23.99
CA GLU B 34 -32.84 9.06 -24.75
C GLU B 34 -31.68 8.52 -23.92
N VAL B 35 -31.10 9.37 -23.08
CA VAL B 35 -29.97 8.96 -22.24
C VAL B 35 -30.29 7.80 -21.32
N LYS B 36 -31.40 7.90 -20.59
CA LYS B 36 -31.83 6.85 -19.66
C LYS B 36 -31.75 5.48 -20.33
N LYS B 37 -32.38 5.36 -21.49
CA LYS B 37 -32.41 4.12 -22.25
C LYS B 37 -31.01 3.59 -22.56
N ILE B 38 -30.12 4.49 -22.98
CA ILE B 38 -28.75 4.13 -23.31
C ILE B 38 -27.95 3.72 -22.08
N THR B 39 -28.11 4.48 -21.00
CA THR B 39 -27.39 4.16 -19.76
C THR B 39 -27.73 2.73 -19.37
N LYS B 40 -29.03 2.42 -19.33
CA LYS B 40 -29.49 1.08 -18.99
C LYS B 40 -28.80 0.05 -19.88
N GLU B 41 -28.73 0.36 -21.17
CA GLU B 41 -28.11 -0.53 -22.15
C GLU B 41 -26.62 -0.73 -21.89
N ALA B 42 -25.91 0.35 -21.61
CA ALA B 42 -24.48 0.28 -21.35
C ALA B 42 -24.16 -0.62 -20.16
N GLU B 44 -25.97 -2.98 -18.88
CA GLU B 44 -26.36 -4.38 -19.09
C GLU B 44 -25.28 -5.05 -19.93
N GLY B 45 -24.37 -4.24 -20.46
CA GLY B 45 -23.29 -4.75 -21.27
C GLY B 45 -23.66 -5.00 -22.72
N LYS B 46 -24.67 -4.28 -23.21
CA LYS B 46 -25.13 -4.45 -24.59
C LYS B 46 -24.42 -3.48 -25.53
N LEU B 47 -23.82 -2.45 -24.96
CA LEU B 47 -23.12 -1.45 -25.74
C LEU B 47 -21.70 -1.31 -25.20
N ASN B 48 -20.76 -0.96 -26.08
CA ASN B 48 -19.38 -0.76 -25.67
C ASN B 48 -19.42 0.46 -24.77
N PHE B 49 -18.77 0.39 -23.61
CA PHE B 49 -18.81 1.50 -22.69
C PHE B 49 -18.43 2.87 -23.24
N GLU B 50 -17.19 3.02 -23.73
CA GLU B 50 -16.75 4.32 -24.24
C GLU B 50 -17.66 4.84 -25.34
N GLN B 51 -18.06 3.97 -26.27
CA GLN B 51 -18.93 4.36 -27.35
C GLN B 51 -20.26 4.86 -26.79
N SER B 52 -20.80 4.11 -25.82
CA SER B 52 -22.07 4.47 -25.20
C SER B 52 -21.97 5.77 -24.40
N LEU B 53 -20.81 6.00 -23.78
CA LEU B 53 -20.64 7.21 -22.99
C LEU B 53 -20.51 8.46 -23.86
N ARG B 54 -19.66 8.39 -24.88
CA ARG B 54 -19.47 9.51 -25.79
C ARG B 54 -20.77 9.86 -26.50
N LYS B 55 -21.60 8.84 -26.71
CA LYS B 55 -22.89 9.04 -27.38
C LYS B 55 -23.81 9.86 -26.47
N ARG B 56 -23.83 9.51 -25.20
CA ARG B 56 -24.68 10.21 -24.23
C ARG B 56 -24.19 11.62 -23.93
N VAL B 57 -22.89 11.77 -23.72
CA VAL B 57 -22.33 13.08 -23.42
C VAL B 57 -22.55 14.09 -24.55
N SER B 58 -22.53 13.62 -25.78
CA SER B 58 -22.74 14.48 -26.95
C SER B 58 -24.08 15.21 -26.89
N LEU B 59 -25.09 14.52 -26.36
CA LEU B 59 -26.43 15.08 -26.26
C LEU B 59 -26.52 16.15 -25.18
N LEU B 60 -25.45 16.30 -24.41
CA LEU B 60 -25.42 17.29 -23.34
C LEU B 60 -24.81 18.61 -23.79
N LYS B 61 -24.28 18.62 -25.01
CA LYS B 61 -23.67 19.81 -25.58
C LYS B 61 -24.45 21.10 -25.30
N ASP B 62 -23.71 22.16 -24.93
CA ASP B 62 -24.26 23.47 -24.63
C ASP B 62 -24.99 23.61 -23.30
N LEU B 63 -24.96 22.56 -22.48
CA LEU B 63 -25.63 22.64 -21.18
C LEU B 63 -24.77 23.50 -20.25
N PRO B 64 -25.32 24.62 -19.75
CA PRO B 64 -24.57 25.49 -18.86
C PRO B 64 -24.10 24.76 -17.60
N ILE B 65 -22.94 25.16 -17.08
CA ILE B 65 -22.38 24.56 -15.89
C ILE B 65 -23.38 24.71 -14.75
N GLU B 66 -24.14 25.80 -14.79
CA GLU B 66 -25.16 26.09 -13.78
C GLU B 66 -26.11 24.90 -13.68
N LYS B 67 -26.59 24.46 -14.84
CA LYS B 67 -27.51 23.33 -14.94
C LYS B 67 -26.84 22.05 -14.45
N VAL B 68 -25.56 21.87 -14.79
CA VAL B 68 -24.85 20.67 -14.38
C VAL B 68 -24.82 20.57 -12.86
N GLU B 69 -24.50 21.67 -12.19
CA GLU B 69 -24.45 21.68 -10.74
C GLU B 69 -25.81 21.35 -10.15
N LYS B 70 -26.87 21.86 -10.79
CA LYS B 70 -28.21 21.59 -10.33
C LYS B 70 -28.45 20.09 -10.36
N ALA B 71 -28.02 19.43 -11.42
CA ALA B 71 -28.19 17.99 -11.55
C ALA B 71 -27.38 17.26 -10.49
N ILE B 72 -26.21 17.79 -10.17
CA ILE B 72 -25.33 17.18 -9.17
C ILE B 72 -25.92 17.19 -7.75
N LYS B 73 -26.55 18.30 -7.37
CA LYS B 73 -27.13 18.43 -6.05
C LYS B 73 -28.29 17.48 -5.77
N ARG B 74 -28.92 16.96 -6.82
CA ARG B 74 -30.02 16.03 -6.64
C ARG B 74 -29.56 14.58 -6.46
N ILE B 75 -28.25 14.37 -6.54
CA ILE B 75 -27.69 13.03 -6.35
C ILE B 75 -27.74 12.66 -4.87
N THR B 76 -28.35 11.51 -4.59
CA THR B 76 -28.51 11.01 -3.23
C THR B 76 -27.55 9.86 -2.87
N PRO B 77 -27.10 9.81 -1.60
CA PRO B 77 -26.18 8.77 -1.14
C PRO B 77 -26.94 7.46 -0.92
N THR B 78 -26.33 6.33 -1.29
CA THR B 78 -26.96 5.03 -1.13
C THR B 78 -27.05 4.66 0.35
N GLU B 79 -28.11 3.92 0.70
CA GLU B 79 -28.31 3.48 2.08
C GLU B 79 -27.07 2.75 2.62
N GLY B 80 -26.56 3.22 3.76
CA GLY B 80 -25.41 2.60 4.38
C GLY B 80 -24.05 2.91 3.78
N ALA B 81 -24.02 3.70 2.71
CA ALA B 81 -22.76 4.03 2.06
C ALA B 81 -21.74 4.71 2.97
N GLU B 82 -22.13 5.84 3.58
CA GLU B 82 -21.23 6.57 4.47
C GLU B 82 -20.71 5.73 5.61
N GLU B 83 -21.60 5.01 6.28
CA GLU B 83 -21.18 4.17 7.41
C GLU B 83 -20.21 3.07 6.98
N THR B 84 -20.51 2.44 5.84
CA THR B 84 -19.68 1.36 5.34
C THR B 84 -18.26 1.84 5.02
N ILE B 85 -18.14 3.00 4.38
CA ILE B 85 -16.82 3.54 4.05
C ILE B 85 -16.08 3.88 5.34
N LYS B 86 -16.77 4.54 6.26
CA LYS B 86 -16.18 4.92 7.54
C LYS B 86 -15.72 3.71 8.36
N GLU B 87 -16.50 2.63 8.33
CA GLU B 87 -16.11 1.45 9.08
C GLU B 87 -14.88 0.81 8.46
N LEU B 88 -14.83 0.75 7.13
CA LEU B 88 -13.68 0.17 6.45
C LEU B 88 -12.43 0.98 6.76
N LYS B 89 -12.54 2.31 6.68
CA LYS B 89 -11.39 3.16 6.98
C LYS B 89 -10.99 3.04 8.45
N ASN B 90 -11.96 2.81 9.32
CA ASN B 90 -11.67 2.66 10.74
C ASN B 90 -10.84 1.42 10.99
N ARG B 91 -10.88 0.47 10.05
CA ARG B 91 -10.09 -0.76 10.17
C ARG B 91 -8.70 -0.50 9.62
N GLY B 92 -8.52 0.69 9.06
CA GLY B 92 -7.24 1.07 8.49
C GLY B 92 -7.14 0.68 7.03
N TYR B 93 -8.26 0.25 6.45
CA TYR B 93 -8.27 -0.15 5.05
C TYR B 93 -8.26 1.03 4.09
N VAL B 94 -7.85 0.75 2.86
CA VAL B 94 -7.79 1.77 1.82
C VAL B 94 -9.07 1.66 0.99
N VAL B 95 -9.79 2.76 0.84
CA VAL B 95 -11.02 2.72 0.06
C VAL B 95 -10.92 3.58 -1.18
N ALA B 96 -11.37 3.04 -2.31
CA ALA B 96 -11.31 3.77 -3.56
C ALA B 96 -12.61 3.72 -4.35
N VAL B 97 -12.85 4.77 -5.14
CA VAL B 97 -14.02 4.82 -6.00
C VAL B 97 -13.44 4.96 -7.41
N VAL B 98 -13.83 4.05 -8.29
CA VAL B 98 -13.36 4.03 -9.68
C VAL B 98 -14.63 4.09 -10.52
N SER B 99 -14.81 5.19 -11.23
CA SER B 99 -16.05 5.40 -11.98
C SER B 99 -15.94 5.84 -13.43
N GLY B 100 -16.87 5.35 -14.23
CA GLY B 100 -16.94 5.74 -15.62
C GLY B 100 -17.75 7.02 -15.62
N GLY B 101 -18.03 7.50 -14.41
CA GLY B 101 -18.77 8.74 -14.22
C GLY B 101 -17.86 9.94 -14.43
N PHE B 102 -18.19 11.06 -13.81
CA PHE B 102 -17.41 12.29 -13.98
C PHE B 102 -16.85 12.91 -12.71
N ASP B 103 -15.60 13.37 -12.80
CA ASP B 103 -14.90 13.98 -11.66
C ASP B 103 -15.70 15.02 -10.90
N ILE B 104 -16.33 15.93 -11.66
CA ILE B 104 -17.12 17.00 -11.07
C ILE B 104 -18.13 16.46 -10.06
N ALA B 105 -18.51 15.19 -10.22
CA ALA B 105 -19.46 14.56 -9.31
C ALA B 105 -18.78 13.61 -8.33
N VAL B 106 -17.87 12.80 -8.85
CA VAL B 106 -17.15 11.81 -8.05
C VAL B 106 -16.20 12.43 -7.02
N ASN B 107 -15.57 13.55 -7.38
CA ASN B 107 -14.65 14.21 -6.46
C ASN B 107 -15.35 14.67 -5.19
N LYS B 108 -16.62 15.05 -5.33
CA LYS B 108 -17.41 15.50 -4.20
C LYS B 108 -17.50 14.44 -3.11
N ILE B 109 -17.82 13.21 -3.51
CA ILE B 109 -17.93 12.12 -2.55
C ILE B 109 -16.56 11.76 -1.99
N LYS B 110 -15.52 11.95 -2.79
CA LYS B 110 -14.17 11.64 -2.33
C LYS B 110 -13.86 12.56 -1.16
N GLU B 111 -14.06 13.86 -1.38
CA GLU B 111 -13.82 14.87 -0.34
C GLU B 111 -14.76 14.63 0.84
N LYS B 112 -16.04 14.39 0.54
CA LYS B 112 -17.05 14.19 1.56
C LYS B 112 -16.79 13.02 2.50
N LEU B 113 -16.52 11.85 1.94
CA LEU B 113 -16.26 10.67 2.74
C LEU B 113 -14.77 10.44 2.98
N GLY B 114 -13.95 11.37 2.53
CA GLY B 114 -12.52 11.22 2.71
C GLY B 114 -12.00 9.93 2.08
N LEU B 115 -12.24 9.76 0.80
CA LEU B 115 -11.77 8.56 0.11
C LEU B 115 -10.29 8.71 -0.17
N ASP B 116 -9.59 7.59 -0.18
CA ASP B 116 -8.15 7.61 -0.44
C ASP B 116 -7.83 7.79 -1.91
N TYR B 117 -8.74 7.33 -2.78
CA TYR B 117 -8.55 7.47 -4.20
C TYR B 117 -9.88 7.65 -4.90
N ALA B 118 -9.85 8.41 -5.99
CA ALA B 118 -11.03 8.63 -6.81
C ALA B 118 -10.53 8.65 -8.25
N PHE B 119 -11.15 7.83 -9.08
CA PHE B 119 -10.80 7.76 -10.50
C PHE B 119 -12.08 7.86 -11.31
N ALA B 120 -12.12 8.82 -12.23
CA ALA B 120 -13.30 9.02 -13.07
C ALA B 120 -12.89 9.79 -14.31
N ASN B 121 -13.82 9.89 -15.26
CA ASN B 121 -13.56 10.62 -16.48
C ASN B 121 -13.97 12.06 -16.21
N ARG B 122 -13.87 12.90 -17.22
CA ARG B 122 -14.25 14.28 -17.03
C ARG B 122 -14.97 14.85 -18.24
N LEU B 123 -15.93 15.72 -17.96
CA LEU B 123 -16.71 16.38 -18.99
C LEU B 123 -15.92 17.60 -19.44
N ILE B 124 -15.79 17.77 -20.75
CA ILE B 124 -15.07 18.91 -21.27
C ILE B 124 -15.97 20.14 -21.20
N VAL B 125 -15.41 21.24 -20.72
CA VAL B 125 -16.17 22.48 -20.59
C VAL B 125 -15.48 23.64 -21.32
N LYS B 126 -16.30 24.47 -21.96
CA LYS B 126 -15.80 25.65 -22.67
C LYS B 126 -16.90 26.71 -22.68
N ASP B 127 -16.51 27.96 -22.40
CA ASP B 127 -17.44 29.08 -22.37
C ASP B 127 -18.59 28.88 -21.40
N GLY B 128 -18.29 28.23 -20.27
CA GLY B 128 -19.29 28.00 -19.25
C GLY B 128 -20.37 26.97 -19.57
N LYS B 129 -20.14 26.17 -20.60
CA LYS B 129 -21.10 25.16 -21.00
C LYS B 129 -20.39 23.86 -21.38
N LEU B 130 -21.10 22.73 -21.28
CA LEU B 130 -20.49 21.45 -21.66
C LEU B 130 -20.31 21.48 -23.17
N THR B 131 -19.18 20.97 -23.64
CA THR B 131 -18.88 20.96 -25.07
C THR B 131 -19.46 19.73 -25.77
N GLY B 132 -19.85 18.73 -24.99
CA GLY B 132 -20.40 17.51 -25.57
C GLY B 132 -19.35 16.43 -25.67
N ASP B 133 -18.17 16.71 -25.13
CA ASP B 133 -17.08 15.75 -25.16
C ASP B 133 -16.76 15.23 -23.76
N VAL B 134 -16.06 14.10 -23.71
CA VAL B 134 -15.66 13.48 -22.46
C VAL B 134 -14.32 12.77 -22.71
N GLU B 135 -13.44 12.84 -21.72
CA GLU B 135 -12.13 12.22 -21.81
C GLU B 135 -11.78 11.63 -20.44
N GLY B 136 -10.75 10.79 -20.39
CA GLY B 136 -10.35 10.19 -19.12
C GLY B 136 -9.75 8.81 -19.26
N GLU B 137 -9.36 8.22 -18.14
CA GLU B 137 -8.75 6.90 -18.13
C GLU B 137 -9.66 5.78 -17.61
N VAL B 138 -10.97 6.03 -17.64
CA VAL B 138 -11.93 5.02 -17.19
C VAL B 138 -12.98 4.82 -18.28
N LEU B 139 -12.49 4.68 -19.52
CA LEU B 139 -13.35 4.50 -20.69
C LEU B 139 -13.21 3.12 -21.32
N LYS B 140 -11.97 2.66 -21.43
CA LYS B 140 -11.68 1.36 -22.03
C LYS B 140 -12.27 0.21 -21.23
N GLU B 141 -12.56 -0.89 -21.93
CA GLU B 141 -13.11 -2.09 -21.29
C GLU B 141 -12.33 -2.52 -20.06
N ASN B 142 -11.01 -2.60 -20.20
CA ASN B 142 -10.14 -3.03 -19.10
C ASN B 142 -9.70 -1.88 -18.19
N ALA B 143 -10.28 -0.70 -18.34
CA ALA B 143 -9.85 0.44 -17.55
C ALA B 143 -9.86 0.27 -16.02
N LYS B 144 -10.96 -0.21 -15.47
CA LYS B 144 -11.04 -0.38 -14.02
C LYS B 144 -10.05 -1.39 -13.46
N GLY B 145 -9.82 -2.47 -14.21
CA GLY B 145 -8.87 -3.48 -13.77
C GLY B 145 -7.47 -2.90 -13.71
N GLU B 146 -7.17 -2.02 -14.66
CA GLU B 146 -5.87 -1.36 -14.72
C GLU B 146 -5.65 -0.47 -13.50
N ILE B 147 -6.68 0.27 -13.14
CA ILE B 147 -6.62 1.17 -12.01
C ILE B 147 -6.51 0.42 -10.68
N LEU B 148 -7.26 -0.68 -10.56
CA LEU B 148 -7.19 -1.47 -9.33
C LEU B 148 -5.73 -1.93 -9.12
N GLU B 149 -5.10 -2.44 -10.17
CA GLU B 149 -3.73 -2.92 -10.06
C GLU B 149 -2.76 -1.79 -9.72
N LYS B 150 -2.98 -0.61 -10.29
CA LYS B 150 -2.11 0.52 -10.03
C LYS B 150 -2.19 0.96 -8.58
N ILE B 151 -3.40 1.08 -8.04
CA ILE B 151 -3.58 1.47 -6.64
C ILE B 151 -2.98 0.40 -5.73
N ALA B 152 -3.23 -0.87 -6.05
CA ALA B 152 -2.69 -1.96 -5.23
C ALA B 152 -1.17 -1.85 -5.13
N LYS B 153 -0.51 -1.56 -6.25
CA LYS B 153 0.94 -1.43 -6.27
C LYS B 153 1.42 -0.26 -5.44
N ILE B 154 0.73 0.86 -5.52
CA ILE B 154 1.10 2.04 -4.76
C ILE B 154 1.02 1.77 -3.26
N GLU B 155 -0.04 1.10 -2.84
CA GLU B 155 -0.27 0.79 -1.43
C GLU B 155 0.51 -0.42 -0.91
N GLY B 156 1.16 -1.16 -1.81
CA GLY B 156 1.90 -2.34 -1.39
C GLY B 156 0.94 -3.43 -0.93
N ILE B 157 -0.27 -3.40 -1.46
CA ILE B 157 -1.28 -4.39 -1.10
C ILE B 157 -1.41 -5.47 -2.17
N ASN B 158 -1.31 -6.73 -1.75
CA ASN B 158 -1.39 -7.88 -2.66
C ASN B 158 -2.79 -7.94 -3.25
N LEU B 159 -2.90 -8.36 -4.52
CA LEU B 159 -4.20 -8.42 -5.17
C LEU B 159 -5.22 -9.31 -4.46
N GLU B 160 -4.76 -10.31 -3.71
CA GLU B 160 -5.72 -11.16 -3.02
C GLU B 160 -6.30 -10.42 -1.82
N ASP B 161 -5.74 -9.25 -1.51
CA ASP B 161 -6.21 -8.43 -0.40
C ASP B 161 -7.01 -7.24 -0.91
N THR B 162 -7.57 -7.37 -2.12
CA THR B 162 -8.36 -6.31 -2.72
C THR B 162 -9.80 -6.78 -2.86
N VAL B 163 -10.75 -5.86 -2.68
CA VAL B 163 -12.17 -6.20 -2.79
C VAL B 163 -12.83 -5.26 -3.79
N ALA B 164 -13.57 -5.83 -4.74
CA ALA B 164 -14.25 -5.00 -5.73
C ALA B 164 -15.76 -5.10 -5.58
N VAL B 165 -16.40 -3.94 -5.43
CA VAL B 165 -17.85 -3.88 -5.30
C VAL B 165 -18.37 -3.10 -6.52
N GLY B 166 -19.12 -3.79 -7.39
CA GLY B 166 -19.64 -3.13 -8.58
C GLY B 166 -21.07 -3.50 -8.92
N ASP B 167 -21.61 -2.90 -9.98
CA ASP B 167 -22.98 -3.19 -10.36
C ASP B 167 -23.27 -3.09 -11.86
N GLY B 168 -22.24 -2.80 -12.65
CA GLY B 168 -22.44 -2.66 -14.08
C GLY B 168 -21.44 -3.40 -14.95
N ALA B 169 -21.68 -3.36 -16.25
CA ALA B 169 -20.81 -4.03 -17.20
C ALA B 169 -19.37 -3.50 -17.14
N ASN B 170 -19.21 -2.20 -16.97
CA ASN B 170 -17.86 -1.64 -16.93
C ASN B 170 -17.07 -1.98 -15.67
N ASP B 171 -17.66 -2.79 -14.80
CA ASP B 171 -16.98 -3.20 -13.57
C ASP B 171 -16.38 -4.59 -13.71
N ILE B 172 -16.57 -5.18 -14.89
CA ILE B 172 -16.06 -6.52 -15.16
C ILE B 172 -14.53 -6.64 -15.03
N SER B 173 -13.80 -5.72 -15.65
CA SER B 173 -12.33 -5.75 -15.57
C SER B 173 -11.87 -5.59 -14.12
N PHE B 175 -13.51 -6.60 -11.45
CA PHE B 175 -13.74 -7.91 -10.84
C PHE B 175 -12.57 -8.85 -11.17
N LYS B 176 -12.26 -8.93 -12.46
CA LYS B 176 -11.20 -9.80 -12.96
C LYS B 176 -9.88 -9.79 -12.18
N LYS B 177 -9.50 -8.63 -11.67
CA LYS B 177 -8.25 -8.49 -10.92
C LYS B 177 -8.39 -8.50 -9.40
N ALA B 178 -9.62 -8.45 -8.91
CA ALA B 178 -9.87 -8.41 -7.47
C ALA B 178 -9.84 -9.76 -6.75
N GLY B 179 -9.45 -9.72 -5.48
CA GLY B 179 -9.40 -10.92 -4.67
C GLY B 179 -10.79 -11.42 -4.34
N LEU B 180 -11.72 -10.49 -4.12
CA LEU B 180 -13.11 -10.83 -3.81
C LEU B 180 -14.00 -9.94 -4.66
N LYS B 181 -14.95 -10.56 -5.36
CA LYS B 181 -15.86 -9.84 -6.24
C LYS B 181 -17.27 -9.79 -5.69
N ILE B 182 -17.72 -8.60 -5.29
CA ILE B 182 -19.06 -8.43 -4.75
C ILE B 182 -19.96 -7.63 -5.70
N ALA B 183 -21.04 -8.26 -6.16
CA ALA B 183 -22.00 -7.60 -7.05
C ALA B 183 -23.11 -6.97 -6.22
N PHE B 184 -23.15 -5.64 -6.17
CA PHE B 184 -24.15 -4.93 -5.40
C PHE B 184 -25.35 -4.54 -6.25
N CYS B 185 -26.51 -5.18 -6.00
CA CYS B 185 -27.73 -4.91 -6.76
C CYS B 185 -27.37 -4.62 -8.22
N ALA B 186 -26.57 -5.52 -8.79
CA ALA B 186 -26.06 -5.38 -10.14
C ALA B 186 -26.87 -5.99 -11.28
N LYS B 187 -26.44 -5.66 -12.51
CA LYS B 187 -27.05 -6.17 -13.74
C LYS B 187 -26.58 -7.62 -13.88
N PRO B 188 -27.41 -8.46 -14.51
CA PRO B 188 -27.09 -9.88 -14.70
C PRO B 188 -25.68 -10.19 -15.19
N ILE B 189 -25.21 -9.44 -16.19
CA ILE B 189 -23.89 -9.68 -16.75
C ILE B 189 -22.78 -9.68 -15.71
N LEU B 190 -22.90 -8.83 -14.69
CA LEU B 190 -21.88 -8.76 -13.64
C LEU B 190 -22.11 -9.81 -12.56
N LYS B 191 -23.36 -10.00 -12.17
CA LYS B 191 -23.69 -10.99 -11.15
C LYS B 191 -23.09 -12.33 -11.55
N GLU B 192 -23.02 -12.56 -12.85
CA GLU B 192 -22.48 -13.79 -13.40
C GLU B 192 -21.00 -14.02 -13.08
N LYS B 193 -20.24 -12.94 -13.01
CA LYS B 193 -18.80 -13.03 -12.74
C LYS B 193 -18.45 -12.79 -11.27
N ALA B 194 -19.47 -12.52 -10.47
CA ALA B 194 -19.28 -12.24 -9.05
C ALA B 194 -19.16 -13.45 -8.13
N ASP B 195 -18.56 -13.22 -6.97
CA ASP B 195 -18.39 -14.26 -5.95
C ASP B 195 -19.62 -14.19 -5.06
N ILE B 196 -20.03 -12.96 -4.73
CA ILE B 196 -21.17 -12.70 -3.87
C ILE B 196 -22.13 -11.73 -4.53
N CYS B 197 -23.40 -12.10 -4.57
CA CYS B 197 -24.42 -11.25 -5.16
C CYS B 197 -25.35 -10.74 -4.06
N ILE B 198 -25.34 -9.43 -3.85
CA ILE B 198 -26.18 -8.80 -2.84
C ILE B 198 -27.36 -8.15 -3.54
N GLU B 199 -28.56 -8.36 -3.02
CA GLU B 199 -29.76 -7.77 -3.64
C GLU B 199 -30.47 -6.72 -2.80
N LYS B 200 -30.16 -6.66 -1.51
CA LYS B 200 -30.76 -5.67 -0.63
C LYS B 200 -29.95 -4.39 -0.77
N ARG B 201 -30.61 -3.29 -1.12
CA ARG B 201 -29.91 -2.03 -1.30
C ARG B 201 -29.44 -1.37 -0.01
N ASP B 202 -28.38 -1.93 0.56
CA ASP B 202 -27.76 -1.42 1.78
C ASP B 202 -26.29 -1.83 1.72
N LEU B 203 -25.41 -0.86 1.51
CA LEU B 203 -23.99 -1.16 1.41
C LEU B 203 -23.41 -1.90 2.61
N ARG B 204 -24.00 -1.69 3.79
CA ARG B 204 -23.51 -2.36 4.99
C ARG B 204 -23.58 -3.88 4.88
N GLU B 205 -24.31 -4.37 3.88
CA GLU B 205 -24.44 -5.80 3.65
C GLU B 205 -23.09 -6.43 3.24
N ILE B 206 -22.21 -5.65 2.62
CA ILE B 206 -20.93 -6.19 2.18
C ILE B 206 -19.95 -6.48 3.31
N LEU B 207 -20.03 -5.71 4.39
CA LEU B 207 -19.12 -5.85 5.53
C LEU B 207 -18.88 -7.24 6.11
N LYS B 208 -19.94 -8.06 6.22
CA LYS B 208 -19.77 -9.39 6.80
C LYS B 208 -18.89 -10.31 5.95
N TYR B 209 -18.69 -9.93 4.69
CA TYR B 209 -17.89 -10.72 3.76
C TYR B 209 -16.42 -10.31 3.76
N ILE B 210 -16.14 -9.15 4.32
CA ILE B 210 -14.79 -8.61 4.38
C ILE B 210 -14.19 -8.70 5.78
N LYS B 211 -13.21 -9.57 5.95
CA LYS B 211 -12.57 -9.71 7.26
C LYS B 211 -11.71 -8.46 7.49
#